data_7HC0
#
_entry.id   7HC0
#
_cell.length_a   67.030
_cell.length_b   90.350
_cell.length_c   98.440
_cell.angle_alpha   90.000
_cell.angle_beta   90.000
_cell.angle_gamma   90.000
#
_symmetry.space_group_name_H-M   'I 2 2 2'
#
loop_
_entity.id
_entity.type
_entity.pdbx_description
1 polymer 'Heat shock protein HSP 90-alpha'
2 non-polymer 3-(3-bromothiophen-2-yl)-1H-pyrazole
3 water water
#
_entity_poly.entity_id   1
_entity_poly.type   'polypeptide(L)'
_entity_poly.pdbx_seq_one_letter_code
;MDQPMEEEEVETFAFQAEIAQLMSLIINTFYSNKEIFLRELISNSSDALDKIRYESLTDPSKLDSGKELHINLIPNKQDR
TLTIVDTGIGMTKADLINNLGTIAKSGTKAFMEALQAGADISMIGQFGVGFYSAYLVAEKVTVITKHNDDEQYAWESSAG
GSFTVRTDTGEPMGRGTKVILHLKEDQTEYLEERRIKEIVKKHSQFIGYPITLFVEKERDKEVSDDEAELEHHHHHH
;
_entity_poly.pdbx_strand_id   A
#
loop_
_chem_comp.id
_chem_comp.type
_chem_comp.name
_chem_comp.formula
A1AYR non-polymer 3-(3-bromothiophen-2-yl)-1H-pyrazole 'C7 H5 Br N2 S'
#
# COMPACT_ATOMS: atom_id res chain seq x y z
N GLU A 9 -12.83 17.81 8.20
CA GLU A 9 -13.93 16.88 8.49
C GLU A 9 -13.53 15.43 8.18
N VAL A 10 -13.62 14.60 9.21
CA VAL A 10 -13.07 13.25 9.16
C VAL A 10 -14.23 12.26 9.21
N GLU A 11 -14.29 11.34 8.25
CA GLU A 11 -15.31 10.31 8.27
C GLU A 11 -14.70 9.00 8.76
N THR A 12 -15.43 8.28 9.61
CA THR A 12 -14.94 7.00 10.11
C THR A 12 -15.85 5.90 9.58
N PHE A 13 -15.26 4.82 9.12
CA PHE A 13 -15.96 3.69 8.52
C PHE A 13 -15.56 2.39 9.20
N ALA A 14 -16.48 1.40 9.24
CA ALA A 14 -16.15 0.06 9.67
C ALA A 14 -15.65 -0.75 8.49
N PHE A 15 -14.57 -1.51 8.68
CA PHE A 15 -14.21 -2.48 7.67
C PHE A 15 -15.31 -3.52 7.58
N GLN A 16 -15.51 -4.07 6.40
CA GLN A 16 -16.26 -5.30 6.34
C GLN A 16 -15.68 -6.35 7.28
N ALA A 17 -16.56 -7.21 7.82
CA ALA A 17 -16.12 -8.12 8.86
C ALA A 17 -15.01 -9.03 8.35
N GLU A 18 -15.11 -9.49 7.10
CA GLU A 18 -14.09 -10.37 6.54
C GLU A 18 -12.73 -9.69 6.50
N ILE A 19 -12.70 -8.38 6.22
CA ILE A 19 -11.43 -7.70 6.11
C ILE A 19 -10.88 -7.41 7.50
N ALA A 20 -11.76 -7.07 8.46
CA ALA A 20 -11.27 -6.97 9.83
C ALA A 20 -10.68 -8.27 10.32
N GLN A 21 -11.31 -9.39 9.95
CA GLN A 21 -10.80 -10.70 10.35
C GLN A 21 -9.41 -10.94 9.76
N LEU A 22 -9.23 -10.55 8.50
CA LEU A 22 -7.94 -10.73 7.85
C LEU A 22 -6.88 -9.87 8.53
N MET A 23 -7.19 -8.61 8.79
CA MET A 23 -6.23 -7.77 9.50
C MET A 23 -5.88 -8.30 10.88
N SER A 24 -6.84 -8.85 11.62
CA SER A 24 -6.45 -9.42 12.91
C SER A 24 -5.55 -10.62 12.75
N LEU A 25 -5.80 -11.45 11.73
CA LEU A 25 -4.94 -12.60 11.52
C LEU A 25 -3.53 -12.14 11.20
N ILE A 26 -3.39 -11.14 10.33
CA ILE A 26 -2.08 -10.62 9.98
C ILE A 26 -1.38 -10.05 11.21
N ILE A 27 -2.12 -9.34 12.07
CA ILE A 27 -1.50 -8.75 13.26
C ILE A 27 -1.21 -9.78 14.32
N ASN A 28 -2.03 -10.82 14.45
CA ASN A 28 -1.85 -11.72 15.58
C ASN A 28 -1.07 -12.99 15.29
N THR A 29 -0.97 -13.44 14.02
CA THR A 29 -0.36 -14.75 13.75
C THR A 29 1.16 -14.64 13.90
N PHE A 30 1.77 -15.64 14.53
CA PHE A 30 3.23 -15.62 14.54
C PHE A 30 3.76 -16.00 13.17
N TYR A 31 4.58 -15.12 12.59
CA TYR A 31 5.06 -15.33 11.23
C TYR A 31 6.28 -14.42 11.05
N SER A 32 7.46 -15.02 10.90
CA SER A 32 8.74 -14.31 10.97
C SER A 32 9.09 -13.60 9.67
N ASN A 33 8.55 -14.08 8.54
CA ASN A 33 8.98 -13.64 7.21
C ASN A 33 8.23 -12.36 6.82
N LYS A 34 8.38 -11.32 7.66
CA LYS A 34 7.60 -10.11 7.49
C LYS A 34 8.00 -9.28 6.27
N GLU A 35 9.22 -9.51 5.74
CA GLU A 35 9.73 -8.61 4.72
C GLU A 35 8.88 -8.62 3.45
N ILE A 36 8.07 -9.67 3.26
CA ILE A 36 7.26 -9.69 2.03
C ILE A 36 6.26 -8.54 1.92
N PHE A 37 6.03 -7.75 2.98
CA PHE A 37 5.13 -6.64 2.84
C PHE A 37 5.62 -5.70 1.76
N LEU A 38 6.96 -5.55 1.61
CA LEU A 38 7.44 -4.54 0.68
C LEU A 38 7.22 -4.98 -0.76
N ARG A 39 7.48 -6.26 -1.08
CA ARG A 39 7.13 -6.79 -2.40
C ARG A 39 5.66 -6.53 -2.73
N GLU A 40 4.77 -6.73 -1.76
CA GLU A 40 3.35 -6.56 -2.07
C GLU A 40 3.02 -5.12 -2.37
N LEU A 41 3.57 -4.17 -1.59
CA LEU A 41 3.28 -2.78 -1.84
C LEU A 41 3.90 -2.30 -3.14
N ILE A 42 5.11 -2.74 -3.45
CA ILE A 42 5.75 -2.35 -4.71
C ILE A 42 4.95 -2.94 -5.87
N SER A 43 4.48 -4.16 -5.73
CA SER A 43 3.65 -4.75 -6.77
C SER A 43 2.39 -3.93 -7.01
N ASN A 44 1.73 -3.52 -5.93
CA ASN A 44 0.54 -2.68 -6.08
C ASN A 44 0.87 -1.38 -6.79
N SER A 45 2.01 -0.78 -6.45
CA SER A 45 2.44 0.46 -7.13
C SER A 45 2.66 0.22 -8.61
N SER A 46 3.36 -0.87 -8.93
CA SER A 46 3.59 -1.25 -10.31
C SER A 46 2.26 -1.42 -11.07
N ASP A 47 1.27 -2.09 -10.46
CA ASP A 47 -0.03 -2.27 -11.14
C ASP A 47 -0.70 -0.92 -11.40
N ALA A 48 -0.63 0.01 -10.42
CA ALA A 48 -1.23 1.33 -10.58
C ALA A 48 -0.53 2.12 -11.66
N LEU A 49 0.80 1.96 -11.75
CA LEU A 49 1.54 2.65 -12.81
C LEU A 49 1.17 2.05 -14.17
N ASP A 50 1.05 0.73 -14.24
CA ASP A 50 0.62 0.10 -15.51
C ASP A 50 -0.71 0.68 -15.97
N LYS A 51 -1.62 0.90 -15.02
CA LYS A 51 -2.96 1.34 -15.37
C LYS A 51 -2.97 2.75 -15.93
N ILE A 52 -2.25 3.68 -15.31
CA ILE A 52 -2.24 5.03 -15.88
C ILE A 52 -1.45 5.02 -17.20
N ARG A 53 -0.41 4.17 -17.33
CA ARG A 53 0.32 4.14 -18.62
C ARG A 53 -0.61 3.66 -19.74
N TYR A 54 -1.40 2.62 -19.47
CA TYR A 54 -2.32 2.10 -20.49
C TYR A 54 -3.39 3.13 -20.84
N GLU A 55 -3.97 3.80 -19.85
CA GLU A 55 -5.02 4.76 -20.12
C GLU A 55 -4.48 5.94 -20.92
N SER A 56 -3.25 6.34 -20.61
CA SER A 56 -2.63 7.48 -21.33
C SER A 56 -2.41 7.21 -22.82
N LEU A 57 -2.46 5.95 -23.26
CA LEU A 57 -2.28 5.67 -24.69
C LEU A 57 -3.47 6.13 -25.52
N THR A 58 -4.65 6.08 -24.95
CA THR A 58 -5.83 6.55 -25.64
C THR A 58 -6.25 7.96 -25.23
N ASP A 59 -5.72 8.47 -24.12
CA ASP A 59 -6.03 9.84 -23.69
C ASP A 59 -4.77 10.43 -23.09
N PRO A 60 -3.92 11.05 -23.91
CA PRO A 60 -2.63 11.53 -23.40
C PRO A 60 -2.73 12.58 -22.32
N SER A 61 -3.83 13.30 -22.28
CA SER A 61 -4.05 14.33 -21.26
C SER A 61 -4.15 13.75 -19.86
N LYS A 62 -4.35 12.43 -19.71
CA LYS A 62 -4.30 11.85 -18.39
C LYS A 62 -2.94 11.97 -17.73
N LEU A 63 -1.88 12.27 -18.48
CA LEU A 63 -0.57 12.53 -17.87
C LEU A 63 -0.31 14.02 -17.63
N ASP A 64 -1.30 14.90 -17.82
CA ASP A 64 -1.10 16.31 -17.52
C ASP A 64 -0.81 16.51 -16.04
N SER A 65 -1.26 15.59 -15.21
CA SER A 65 -0.99 15.63 -13.78
C SER A 65 0.39 15.04 -13.45
N GLY A 66 1.17 14.67 -14.47
CA GLY A 66 2.53 14.23 -14.24
C GLY A 66 2.96 13.14 -15.19
N LYS A 67 4.03 13.37 -15.96
CA LYS A 67 4.46 12.35 -16.92
C LYS A 67 5.35 11.28 -16.33
N GLU A 68 6.04 11.53 -15.21
CA GLU A 68 6.99 10.57 -14.69
C GLU A 68 6.25 9.42 -14.01
N LEU A 69 6.65 8.19 -14.33
CA LEU A 69 6.07 6.96 -13.79
C LEU A 69 7.16 6.27 -12.99
N HIS A 70 7.05 6.33 -11.66
CA HIS A 70 8.16 5.85 -10.82
C HIS A 70 7.65 5.46 -9.45
N ILE A 71 8.53 4.83 -8.68
CA ILE A 71 8.25 4.41 -7.30
C ILE A 71 9.43 4.90 -6.43
N ASN A 72 9.13 5.62 -5.33
CA ASN A 72 10.14 6.07 -4.38
C ASN A 72 9.93 5.38 -3.05
N LEU A 73 11.01 4.98 -2.39
CA LEU A 73 10.96 4.37 -1.08
C LEU A 73 11.68 5.33 -0.15
N ILE A 74 10.97 5.83 0.84
CA ILE A 74 11.52 6.90 1.68
C ILE A 74 11.47 6.52 3.15
N PRO A 75 12.57 6.12 3.75
CA PRO A 75 12.59 5.85 5.20
C PRO A 75 12.79 7.16 5.95
N ASN A 76 12.21 7.23 7.14
CA ASN A 76 12.42 8.39 8.01
C ASN A 76 12.52 7.88 9.44
N LYS A 77 13.74 7.89 9.99
CA LYS A 77 13.99 7.30 11.30
C LYS A 77 13.43 8.17 12.40
N GLN A 78 13.42 9.48 12.20
CA GLN A 78 12.89 10.38 13.22
C GLN A 78 11.40 10.20 13.41
N ASP A 79 10.65 9.99 12.34
CA ASP A 79 9.22 9.74 12.44
C ASP A 79 8.91 8.26 12.52
N ARG A 80 9.90 7.39 12.36
CA ARG A 80 9.72 5.94 12.31
C ARG A 80 8.69 5.53 11.24
N THR A 81 8.86 6.06 10.04
CA THR A 81 7.97 5.73 8.93
C THR A 81 8.77 5.25 7.75
N LEU A 82 8.17 4.35 6.97
CA LEU A 82 8.62 3.99 5.63
C LEU A 82 7.48 4.38 4.68
N THR A 83 7.80 5.17 3.69
CA THR A 83 6.80 5.64 2.73
C THR A 83 7.09 5.08 1.37
N ILE A 84 6.07 4.52 0.75
CA ILE A 84 6.15 3.98 -0.61
C ILE A 84 5.33 4.94 -1.47
N VAL A 85 5.97 5.66 -2.40
CA VAL A 85 5.27 6.66 -3.21
C VAL A 85 5.27 6.18 -4.65
N ASP A 86 4.15 6.33 -5.33
CA ASP A 86 4.15 6.05 -6.77
C ASP A 86 3.35 7.13 -7.48
N THR A 87 3.63 7.31 -8.76
CA THR A 87 2.84 8.23 -9.58
C THR A 87 1.86 7.46 -10.48
N GLY A 88 1.24 6.41 -9.93
CA GLY A 88 0.25 5.66 -10.67
C GLY A 88 -1.12 6.34 -10.76
N ILE A 89 -2.12 5.52 -11.09
CA ILE A 89 -3.43 6.05 -11.40
C ILE A 89 -4.09 6.69 -10.19
N GLY A 90 -3.76 6.26 -8.95
CA GLY A 90 -4.37 6.89 -7.80
C GLY A 90 -5.73 6.29 -7.52
N MET A 91 -6.33 6.70 -6.41
CA MET A 91 -7.55 6.07 -5.93
C MET A 91 -8.59 7.17 -5.73
N THR A 92 -9.84 6.92 -6.16
CA THR A 92 -10.91 7.85 -5.89
C THR A 92 -11.46 7.66 -4.46
N LYS A 93 -12.32 8.59 -4.04
CA LYS A 93 -12.94 8.41 -2.74
C LYS A 93 -13.74 7.12 -2.72
N ALA A 94 -14.43 6.81 -3.83
CA ALA A 94 -15.23 5.60 -3.91
C ALA A 94 -14.36 4.34 -3.80
N ASP A 95 -13.19 4.37 -4.41
CA ASP A 95 -12.25 3.26 -4.25
C ASP A 95 -11.94 3.03 -2.78
N LEU A 96 -11.62 4.13 -2.08
CA LEU A 96 -11.19 4.05 -0.68
C LEU A 96 -12.28 3.56 0.24
N ILE A 97 -13.51 4.00 0.04
CA ILE A 97 -14.58 3.63 0.94
C ILE A 97 -15.22 2.30 0.58
N ASN A 98 -15.41 2.04 -0.71
CA ASN A 98 -16.26 0.95 -1.17
C ASN A 98 -15.54 -0.03 -2.07
N ASN A 99 -14.99 0.44 -3.19
CA ASN A 99 -14.67 -0.47 -4.29
C ASN A 99 -13.57 -1.43 -3.93
N LEU A 100 -12.47 -0.93 -3.34
CA LEU A 100 -11.35 -1.81 -3.05
C LEU A 100 -11.74 -2.87 -2.04
N GLY A 101 -12.53 -2.49 -1.03
CA GLY A 101 -12.93 -3.47 -0.02
C GLY A 101 -13.92 -4.48 -0.59
N THR A 102 -14.76 -4.05 -1.52
CA THR A 102 -15.68 -5.00 -2.17
C THR A 102 -14.89 -6.06 -2.93
N ILE A 103 -13.92 -5.62 -3.74
CA ILE A 103 -13.04 -6.57 -4.44
C ILE A 103 -12.33 -7.47 -3.44
N ALA A 104 -11.90 -6.90 -2.31
CA ALA A 104 -11.05 -7.64 -1.40
C ALA A 104 -11.81 -8.74 -0.67
N LYS A 105 -13.14 -8.65 -0.57
CA LYS A 105 -13.90 -9.63 0.20
C LYS A 105 -13.67 -11.04 -0.32
N SER A 106 -13.74 -11.21 -1.63
CA SER A 106 -13.61 -12.51 -2.25
C SER A 106 -12.18 -13.05 -2.08
N GLY A 107 -11.19 -12.20 -2.32
CA GLY A 107 -9.81 -12.62 -2.14
C GLY A 107 -9.50 -12.97 -0.69
N THR A 108 -10.09 -12.23 0.23
CA THR A 108 -9.90 -12.52 1.65
C THR A 108 -10.42 -13.89 2.02
N LYS A 109 -11.66 -14.20 1.61
CA LYS A 109 -12.22 -15.51 1.89
C LYS A 109 -11.36 -16.63 1.33
N ALA A 110 -10.92 -16.48 0.09
CA ALA A 110 -10.08 -17.50 -0.53
C ALA A 110 -8.75 -17.64 0.20
N PHE A 111 -8.16 -16.52 0.61
CA PHE A 111 -6.87 -16.55 1.30
C PHE A 111 -7.02 -17.25 2.64
N MET A 112 -8.03 -16.85 3.41
CA MET A 112 -8.21 -17.45 4.73
C MET A 112 -8.48 -18.95 4.62
N GLU A 113 -9.21 -19.37 3.58
CA GLU A 113 -9.40 -20.81 3.34
C GLU A 113 -8.08 -21.50 3.01
N ALA A 114 -7.27 -20.89 2.11
CA ALA A 114 -6.00 -21.49 1.74
C ALA A 114 -5.10 -21.63 2.95
N LEU A 115 -5.09 -20.62 3.84
CA LEU A 115 -4.25 -20.70 5.04
C LEU A 115 -4.63 -21.90 5.89
N GLN A 116 -5.92 -22.18 6.00
CA GLN A 116 -6.39 -23.33 6.76
C GLN A 116 -6.01 -24.65 6.08
N ALA A 117 -5.82 -24.62 4.76
CA ALA A 117 -5.41 -25.78 4.00
C ALA A 117 -3.89 -25.92 3.92
N GLY A 118 -3.12 -25.00 4.48
CA GLY A 118 -1.68 -25.14 4.54
C GLY A 118 -0.89 -24.07 3.80
N ALA A 119 -1.53 -23.11 3.16
CA ALA A 119 -0.79 -21.99 2.58
C ALA A 119 -0.19 -21.15 3.71
N ASP A 120 0.71 -20.25 3.34
CA ASP A 120 1.27 -19.37 4.34
C ASP A 120 1.08 -17.92 3.94
N ILE A 121 1.37 -17.04 4.90
CA ILE A 121 1.03 -15.63 4.74
C ILE A 121 1.75 -15.04 3.54
N SER A 122 2.90 -15.60 3.14
CA SER A 122 3.62 -14.98 2.02
C SER A 122 2.89 -15.12 0.68
N MET A 123 1.90 -15.99 0.57
CA MET A 123 1.12 -16.12 -0.66
C MET A 123 -0.04 -15.13 -0.74
N ILE A 124 -0.11 -14.16 0.17
CA ILE A 124 -1.24 -13.24 0.24
C ILE A 124 -1.47 -12.52 -1.08
N GLY A 125 -0.41 -12.22 -1.82
CA GLY A 125 -0.59 -11.42 -3.05
C GLY A 125 -1.31 -12.17 -4.14
N GLN A 126 -1.31 -13.50 -4.07
CA GLN A 126 -1.98 -14.30 -5.08
C GLN A 126 -3.49 -14.20 -4.95
N PHE A 127 -3.98 -13.59 -3.88
CA PHE A 127 -5.38 -13.42 -3.60
C PHE A 127 -5.82 -11.98 -3.73
N GLY A 128 -4.92 -11.11 -4.19
CA GLY A 128 -5.27 -9.72 -4.40
C GLY A 128 -5.43 -8.86 -3.16
N VAL A 129 -4.98 -9.30 -1.98
CA VAL A 129 -5.17 -8.52 -0.77
C VAL A 129 -3.82 -8.24 -0.12
N GLY A 130 -2.78 -8.14 -0.95
CA GLY A 130 -1.43 -7.89 -0.46
C GLY A 130 -1.26 -6.58 0.31
N PHE A 131 -2.10 -5.56 0.08
CA PHE A 131 -1.98 -4.30 0.83
C PHE A 131 -2.00 -4.56 2.32
N TYR A 132 -2.86 -5.49 2.75
CA TYR A 132 -3.00 -5.66 4.20
C TYR A 132 -1.75 -6.27 4.85
N SER A 133 -0.80 -6.85 4.09
CA SER A 133 0.46 -7.28 4.65
C SER A 133 1.23 -6.13 5.25
N ALA A 134 0.84 -4.89 4.93
CA ALA A 134 1.47 -3.76 5.61
C ALA A 134 1.39 -3.90 7.12
N TYR A 135 0.33 -4.52 7.64
CA TYR A 135 0.18 -4.63 9.11
C TYR A 135 1.07 -5.69 9.71
N LEU A 136 1.89 -6.36 8.91
CA LEU A 136 2.94 -7.18 9.45
C LEU A 136 3.98 -6.33 10.14
N VAL A 137 4.18 -5.11 9.63
CA VAL A 137 5.24 -4.26 10.14
C VAL A 137 4.74 -2.91 10.66
N ALA A 138 3.51 -2.48 10.34
CA ALA A 138 3.07 -1.14 10.69
C ALA A 138 2.01 -1.21 11.76
N GLU A 139 2.08 -0.32 12.76
CA GLU A 139 0.97 -0.21 13.70
C GLU A 139 -0.16 0.66 13.11
N LYS A 140 0.16 1.51 12.16
CA LYS A 140 -0.79 2.44 11.55
C LYS A 140 -0.34 2.61 10.12
N VAL A 141 -1.30 2.69 9.19
CA VAL A 141 -0.97 2.92 7.79
C VAL A 141 -1.77 4.14 7.36
N THR A 142 -1.10 5.10 6.71
CA THR A 142 -1.76 6.30 6.15
C THR A 142 -1.58 6.22 4.65
N VAL A 143 -2.65 6.42 3.89
CA VAL A 143 -2.55 6.37 2.43
C VAL A 143 -3.04 7.72 1.89
N ILE A 144 -2.15 8.48 1.23
CA ILE A 144 -2.50 9.75 0.60
C ILE A 144 -2.61 9.47 -0.87
N THR A 145 -3.69 9.91 -1.51
CA THR A 145 -3.88 9.45 -2.88
C THR A 145 -4.62 10.49 -3.72
N LYS A 146 -4.32 10.53 -5.00
CA LYS A 146 -4.95 11.52 -5.87
C LYS A 146 -5.14 10.86 -7.23
N HIS A 147 -6.41 10.71 -7.62
CA HIS A 147 -6.82 10.29 -8.97
C HIS A 147 -7.22 11.51 -9.78
N ASN A 148 -7.00 11.45 -11.11
CA ASN A 148 -7.31 12.58 -11.97
C ASN A 148 -8.77 13.05 -11.87
N ASP A 149 -9.68 12.16 -11.51
CA ASP A 149 -11.10 12.45 -11.51
C ASP A 149 -11.65 12.81 -10.13
N ASP A 150 -10.80 12.97 -9.13
CA ASP A 150 -11.24 13.21 -7.75
C ASP A 150 -10.23 14.12 -7.06
N GLU A 151 -10.55 14.46 -5.83
CA GLU A 151 -9.70 15.29 -4.99
C GLU A 151 -8.66 14.42 -4.30
N GLN A 152 -7.71 15.07 -3.63
CA GLN A 152 -6.68 14.34 -2.88
C GLN A 152 -7.25 13.95 -1.52
N TYR A 153 -7.11 12.69 -1.17
CA TYR A 153 -7.68 12.16 0.07
C TYR A 153 -6.59 11.51 0.93
N ALA A 154 -6.86 11.43 2.24
CA ALA A 154 -6.03 10.65 3.15
C ALA A 154 -6.90 9.61 3.81
N TRP A 155 -6.51 8.37 3.69
CA TRP A 155 -7.11 7.23 4.35
C TRP A 155 -6.17 6.81 5.46
N GLU A 156 -6.70 6.33 6.57
CA GLU A 156 -5.81 5.94 7.65
C GLU A 156 -6.45 4.84 8.45
N SER A 157 -5.66 3.87 8.90
CA SER A 157 -6.22 2.88 9.83
C SER A 157 -5.15 2.31 10.75
N SER A 158 -5.48 2.14 12.03
CA SER A 158 -4.63 1.40 12.96
C SER A 158 -5.25 0.03 13.23
N ALA A 159 -6.05 -0.44 12.30
CA ALA A 159 -6.80 -1.68 12.45
C ALA A 159 -7.82 -1.53 13.56
N GLY A 160 -8.12 -2.61 14.29
CA GLY A 160 -9.18 -2.42 15.24
C GLY A 160 -10.57 -2.33 14.66
N GLY A 161 -10.73 -2.55 13.35
CA GLY A 161 -12.07 -2.58 12.80
C GLY A 161 -12.54 -1.33 12.07
N SER A 162 -11.76 -0.25 12.07
CA SER A 162 -12.26 1.01 11.48
C SER A 162 -11.14 1.67 10.74
N PHE A 163 -11.52 2.52 9.80
CA PHE A 163 -10.58 3.34 9.07
C PHE A 163 -11.20 4.73 8.92
N THR A 164 -10.36 5.72 8.64
CA THR A 164 -10.91 7.04 8.36
C THR A 164 -10.54 7.52 6.97
N VAL A 165 -11.37 8.40 6.44
CA VAL A 165 -11.08 9.09 5.18
C VAL A 165 -11.33 10.57 5.39
N ARG A 166 -10.39 11.41 4.92
CA ARG A 166 -10.63 12.84 4.93
C ARG A 166 -10.04 13.44 3.68
N THR A 167 -10.54 14.64 3.29
CA THR A 167 -9.82 15.39 2.27
C THR A 167 -8.45 15.75 2.79
N ASP A 168 -7.44 15.66 1.93
CA ASP A 168 -6.11 15.97 2.38
C ASP A 168 -5.75 17.39 1.97
N THR A 169 -5.29 18.17 2.96
CA THR A 169 -4.79 19.53 2.79
C THR A 169 -3.27 19.63 2.69
N GLY A 170 -2.52 18.56 2.91
CA GLY A 170 -1.07 18.55 2.77
C GLY A 170 -0.55 18.92 1.39
N GLU A 171 0.74 18.66 1.14
CA GLU A 171 1.33 18.99 -0.16
C GLU A 171 0.54 18.28 -1.26
N PRO A 172 0.16 18.99 -2.33
CA PRO A 172 -0.50 18.32 -3.46
C PRO A 172 0.46 17.33 -4.11
N MET A 173 -0.07 16.17 -4.50
CA MET A 173 0.72 15.10 -5.11
C MET A 173 0.70 15.08 -6.63
N GLY A 174 -0.23 15.75 -7.26
CA GLY A 174 -0.31 15.69 -8.71
C GLY A 174 -1.20 14.52 -9.11
N ARG A 175 -0.68 13.32 -8.88
CA ARG A 175 -1.39 12.07 -9.20
C ARG A 175 -0.63 10.91 -8.60
N GLY A 176 -1.30 9.96 -7.98
CA GLY A 176 -0.59 8.80 -7.47
C GLY A 176 -0.96 8.51 -6.04
N THR A 177 -0.12 7.69 -5.40
CA THR A 177 -0.46 7.20 -4.06
C THR A 177 0.79 7.14 -3.22
N LYS A 178 0.67 7.56 -1.97
CA LYS A 178 1.74 7.50 -0.98
C LYS A 178 1.22 6.62 0.13
N VAL A 179 1.90 5.51 0.40
CA VAL A 179 1.54 4.63 1.51
C VAL A 179 2.56 4.85 2.61
N ILE A 180 2.10 5.34 3.78
CA ILE A 180 2.99 5.71 4.89
C ILE A 180 2.84 4.63 5.94
N LEU A 181 3.92 3.89 6.19
CA LEU A 181 3.91 2.82 7.18
C LEU A 181 4.49 3.37 8.47
N HIS A 182 3.66 3.47 9.51
CA HIS A 182 4.14 3.88 10.83
C HIS A 182 4.59 2.59 11.52
N LEU A 183 5.90 2.38 11.55
CA LEU A 183 6.37 1.04 11.90
C LEU A 183 6.18 0.76 13.38
N LYS A 184 5.95 -0.52 13.65
CA LYS A 184 5.99 -1.03 15.02
C LYS A 184 7.40 -0.89 15.60
N GLU A 185 7.46 -0.80 16.93
CA GLU A 185 8.72 -0.47 17.60
C GLU A 185 9.82 -1.47 17.30
N ASP A 186 9.48 -2.73 17.08
CA ASP A 186 10.48 -3.76 16.90
C ASP A 186 10.69 -4.09 15.43
N GLN A 187 10.16 -3.25 14.53
CA GLN A 187 10.31 -3.46 13.10
C GLN A 187 11.14 -2.33 12.44
N THR A 188 12.04 -1.68 13.19
CA THR A 188 12.78 -0.55 12.59
C THR A 188 13.88 -1.00 11.66
N GLU A 189 14.09 -2.30 11.49
CA GLU A 189 15.07 -2.72 10.50
C GLU A 189 14.66 -2.29 9.10
N TYR A 190 13.37 -2.10 8.85
CA TYR A 190 12.91 -1.71 7.52
C TYR A 190 13.13 -0.22 7.24
N LEU A 191 13.79 0.52 8.14
CA LEU A 191 14.27 1.88 7.86
C LEU A 191 15.73 1.89 7.42
N GLU A 192 16.42 0.74 7.48
CA GLU A 192 17.84 0.69 7.15
C GLU A 192 18.05 0.53 5.65
N GLU A 193 18.92 1.37 5.08
CA GLU A 193 19.21 1.30 3.66
C GLU A 193 19.58 -0.12 3.23
N ARG A 194 20.55 -0.73 3.92
CA ARG A 194 21.05 -2.04 3.52
C ARG A 194 19.94 -3.07 3.53
N ARG A 195 18.99 -2.96 4.47
CA ARG A 195 17.92 -3.93 4.57
C ARG A 195 16.92 -3.75 3.44
N ILE A 196 16.50 -2.51 3.20
CA ILE A 196 15.56 -2.27 2.09
C ILE A 196 16.16 -2.73 0.78
N LYS A 197 17.44 -2.39 0.56
CA LYS A 197 18.09 -2.78 -0.69
C LYS A 197 18.06 -4.29 -0.87
N GLU A 198 18.39 -5.02 0.21
CA GLU A 198 18.38 -6.48 0.18
C GLU A 198 17.00 -6.97 -0.24
N ILE A 199 15.95 -6.39 0.33
CA ILE A 199 14.61 -6.89 0.08
C ILE A 199 14.19 -6.59 -1.34
N VAL A 200 14.45 -5.37 -1.81
CA VAL A 200 14.07 -5.04 -3.19
C VAL A 200 14.80 -5.95 -4.17
N LYS A 201 16.08 -6.23 -3.91
CA LYS A 201 16.85 -7.08 -4.83
C LYS A 201 16.30 -8.52 -4.84
N LYS A 202 15.82 -8.98 -3.69
CA LYS A 202 15.37 -10.37 -3.59
C LYS A 202 14.00 -10.57 -4.21
N HIS A 203 13.09 -9.63 -3.97
CA HIS A 203 11.66 -9.82 -4.28
C HIS A 203 11.15 -8.93 -5.41
N SER A 204 11.83 -7.86 -5.75
CA SER A 204 11.29 -6.87 -6.67
C SER A 204 12.26 -6.48 -7.77
N GLN A 205 13.14 -7.39 -8.16
CA GLN A 205 14.25 -6.94 -8.99
C GLN A 205 13.83 -6.67 -10.43
N PHE A 206 12.69 -7.18 -10.90
CA PHE A 206 12.30 -6.95 -12.30
C PHE A 206 11.09 -6.05 -12.46
N ILE A 207 10.76 -5.25 -11.45
CA ILE A 207 9.71 -4.27 -11.61
C ILE A 207 10.08 -3.26 -12.71
N GLY A 208 9.10 -2.96 -13.55
CA GLY A 208 9.36 -2.23 -14.78
C GLY A 208 9.28 -0.72 -14.67
N TYR A 209 9.55 -0.18 -13.50
CA TYR A 209 9.53 1.25 -13.26
C TYR A 209 10.72 1.53 -12.36
N PRO A 210 11.32 2.71 -12.44
CA PRO A 210 12.48 2.99 -11.59
C PRO A 210 12.04 3.08 -10.14
N ILE A 211 12.76 2.35 -9.27
CA ILE A 211 12.54 2.37 -7.83
C ILE A 211 13.73 3.09 -7.24
N THR A 212 13.49 4.23 -6.59
CA THR A 212 14.59 4.98 -5.98
C THR A 212 14.47 4.83 -4.48
N LEU A 213 15.53 4.31 -3.86
CA LEU A 213 15.57 4.19 -2.42
C LEU A 213 16.26 5.46 -1.91
N PHE A 214 15.48 6.34 -1.26
CA PHE A 214 16.06 7.53 -0.67
C PHE A 214 16.88 7.12 0.54
N VAL A 215 17.93 7.91 0.81
CA VAL A 215 18.74 7.74 2.02
C VAL A 215 18.46 8.86 3.00
N GLU A 216 18.74 8.58 4.24
CA GLU A 216 18.39 9.52 5.29
C GLU A 216 19.50 10.50 5.55
N LYS A 217 19.08 11.71 5.95
CA LYS A 217 19.98 12.80 6.14
C LYS A 217 20.64 12.76 7.52
C1 A1AYR B . -4.99 0.77 -6.08
C2 A1AYR B . -6.10 1.11 -6.90
C3 A1AYR B . -6.03 2.18 -7.71
C4 A1AYR B . -3.94 1.70 -6.30
C5 A1AYR B . -2.59 1.73 -5.75
C6 A1AYR B . -1.62 2.61 -6.15
C7 A1AYR B . -0.51 2.36 -5.39
N1 A1AYR B . -0.82 1.34 -4.57
N2 A1AYR B . -2.10 0.95 -4.75
S1 A1AYR B . -4.43 2.88 -7.45
BR1 A1AYR B . -4.90 -0.68 -4.91
#